data_8CDO
#
_entry.id   8CDO
#
_cell.length_a   122.116
_cell.length_b   122.116
_cell.length_c   122.116
_cell.angle_alpha   90.00
_cell.angle_beta   90.00
_cell.angle_gamma   90.00
#
_symmetry.space_group_name_H-M   'P 21 3'
#
loop_
_entity.id
_entity.type
_entity.pdbx_description
1 polymer 'Agrocinopine utilization periplasmic binding protein AccA'
2 branched beta-D-fructofuranose-(2-1)-alpha-D-glucopyranose
3 non-polymer 'TETRAETHYLENE GLYCOL'
4 non-polymer DI(HYDROXYETHYL)ETHER
5 non-polymer 1,2-ETHANEDIOL
6 non-polymer 'TRIETHYLENE GLYCOL'
7 non-polymer 2-O-phosphono-beta-D-glucopyranose
8 non-polymer 2-O-phosphono-alpha-D-glucopyranose
9 water water
#
_entity_poly.entity_id   1
_entity_poly.type   'polypeptide(L)'
_entity_poly.pdbx_seq_one_letter_code
;MDRRALRIGVNGLPPSLEPINGISNTGPRIINQIFDALIRRDYFADGAKGNNIKLVPALAESFERIDDKSIRFKLRQGVK
FHNGAEMTAEDVAFTFSSERLWGDEAIKTVPNGRNYSPNWDEPVVEDKYTVVLRTKTPSYLIEKYLGSWLGPIVPKEYYK
SLGAVAFGNKPIGTGPYKFRELVANDHVTLEANDGYWGDKPTASTITYQVVAEPATRVAGLISGEYDIITTLTPDDMALV
DGYSDLETRGTLIENLHMFTFNMNQPIFQNKTLRRALALAVNRPLIVEALWKNKASIPNGFNFPHYGATYDPKRKPMEFN
LKEAKRLVKESGYDGTPITYHTMGNYYANAVPALMMMIEMWKAAGITVVPKIFAPGTTPKDSDILIRNWSNGQWLTDGLT
TMVSEFGPGRQVQKRWGWKAPAEFNNLCDQVAQLKDGEERSAAFNRLRDIFEDEAPAVLMYQPYDVYAARKDVQWSPVSF
ETMEFRGNLNFKHHHHHH
;
_entity_poly.pdbx_strand_id   A
#
loop_
_chem_comp.id
_chem_comp.type
_chem_comp.name
_chem_comp.formula
ALX D-saccharide, alpha linking 2-O-phosphono-alpha-D-glucopyranose 'C6 H13 O9 P'
BNX D-saccharide, beta linking 2-O-phosphono-beta-D-glucopyranose 'C6 H13 O9 P'
EDO non-polymer 1,2-ETHANEDIOL 'C2 H6 O2'
FRU D-saccharide, beta linking beta-D-fructofuranose 'C6 H12 O6'
GLC D-saccharide, alpha linking alpha-D-glucopyranose 'C6 H12 O6'
PEG non-polymer DI(HYDROXYETHYL)ETHER 'C4 H10 O3'
PG4 non-polymer 'TETRAETHYLENE GLYCOL' 'C8 H18 O5'
PGE non-polymer 'TRIETHYLENE GLYCOL' 'C6 H14 O4'
#
# COMPACT_ATOMS: atom_id res chain seq x y z
N ASP A 2 17.61 29.82 -5.95
CA ASP A 2 16.51 29.06 -5.36
C ASP A 2 16.50 27.61 -5.86
N ARG A 3 15.89 26.73 -5.07
CA ARG A 3 15.83 25.31 -5.41
C ARG A 3 14.77 25.02 -6.46
N ARG A 4 15.01 23.96 -7.18
CA ARG A 4 14.12 23.55 -8.25
C ARG A 4 12.79 23.01 -7.72
N ALA A 5 11.72 23.25 -8.46
CA ALA A 5 10.38 22.72 -8.17
C ALA A 5 10.35 21.30 -8.78
N LEU A 6 9.81 20.33 -8.06
CA LEU A 6 9.67 18.98 -8.54
C LEU A 6 8.22 18.76 -8.94
N ARG A 7 8.00 18.25 -10.14
CA ARG A 7 6.67 18.00 -10.70
C ARG A 7 6.54 16.53 -11.04
N ILE A 8 5.64 15.83 -10.38
CA ILE A 8 5.46 14.39 -10.52
C ILE A 8 4.11 14.12 -11.13
N GLY A 9 4.08 13.51 -12.29
CA GLY A 9 2.84 13.06 -12.90
C GLY A 9 2.47 11.72 -12.33
N VAL A 10 1.33 11.65 -11.67
CA VAL A 10 0.90 10.47 -10.92
C VAL A 10 -0.35 9.83 -11.51
N ASN A 11 -0.56 8.57 -11.13
CA ASN A 11 -1.75 7.82 -11.53
C ASN A 11 -3.01 8.24 -10.78
N GLY A 12 -2.86 8.85 -9.61
CA GLY A 12 -3.99 9.26 -8.79
C GLY A 12 -3.51 9.87 -7.51
N LEU A 13 -4.43 10.41 -6.74
CA LEU A 13 -4.20 10.94 -5.39
C LEU A 13 -4.94 10.06 -4.39
N PRO A 14 -4.46 10.02 -3.16
CA PRO A 14 -5.15 9.25 -2.14
C PRO A 14 -6.41 9.98 -1.70
N PRO A 15 -7.30 9.25 -1.03
CA PRO A 15 -8.56 9.90 -0.59
C PRO A 15 -8.37 10.85 0.59
N SER A 16 -7.19 10.76 1.22
CA SER A 16 -6.85 11.51 2.41
C SER A 16 -5.34 11.51 2.58
N LEU A 17 -4.83 12.54 3.24
CA LEU A 17 -3.42 12.62 3.64
C LEU A 17 -3.26 12.31 5.13
N GLU A 18 -4.32 11.91 5.81
CA GLU A 18 -4.23 11.36 7.17
C GLU A 18 -3.43 10.03 6.96
N PRO A 19 -2.39 9.75 7.75
CA PRO A 19 -1.47 8.67 7.39
C PRO A 19 -2.09 7.31 7.15
N ILE A 20 -3.05 6.92 7.96
CA ILE A 20 -3.67 5.61 7.82
C ILE A 20 -4.73 5.63 6.72
N ASN A 21 -5.56 6.67 6.69
CA ASN A 21 -6.62 6.74 5.71
C ASN A 21 -6.09 6.93 4.32
N GLY A 22 -4.87 7.36 4.17
CA GLY A 22 -4.26 7.50 2.86
C GLY A 22 -3.47 6.30 2.37
N ILE A 23 -3.43 5.19 3.11
CA ILE A 23 -2.72 3.99 2.72
C ILE A 23 -3.37 3.45 1.43
N SER A 24 -2.55 3.33 0.40
CA SER A 24 -2.96 3.05 -0.98
C SER A 24 -1.71 3.12 -1.83
N ASN A 25 -1.84 2.83 -3.13
CA ASN A 25 -0.68 2.99 -4.02
C ASN A 25 -0.28 4.44 -4.23
N THR A 26 -1.17 5.38 -3.94
CA THR A 26 -0.97 6.80 -4.27
C THR A 26 -0.65 7.66 -3.05
N GLY A 27 -0.87 7.18 -1.85
CA GLY A 27 -0.70 7.99 -0.65
C GLY A 27 0.69 8.09 -0.09
N PRO A 28 1.37 6.97 0.11
CA PRO A 28 2.71 7.01 0.74
C PRO A 28 3.68 7.93 0.08
N ARG A 29 3.65 8.04 -1.26
CA ARG A 29 4.60 8.91 -1.94
C ARG A 29 4.47 10.37 -1.51
N ILE A 30 3.29 10.75 -1.00
CA ILE A 30 3.03 12.08 -0.46
C ILE A 30 3.20 12.10 1.07
N ILE A 31 2.58 11.14 1.75
CA ILE A 31 2.59 11.05 3.21
C ILE A 31 4.02 10.93 3.75
N ASN A 32 4.88 10.21 3.05
CA ASN A 32 6.27 10.04 3.46
C ASN A 32 7.02 11.34 3.53
N GLN A 33 6.57 12.35 2.81
CA GLN A 33 7.22 13.66 2.79
C GLN A 33 6.70 14.54 3.91
N ILE A 34 5.41 14.45 4.24
CA ILE A 34 4.80 15.29 5.26
C ILE A 34 5.11 14.80 6.66
N PHE A 35 5.28 13.51 6.84
CA PHE A 35 5.46 12.90 8.16
C PHE A 35 6.74 12.19 8.31
N ASP A 36 7.10 11.94 9.56
CA ASP A 36 8.12 11.00 9.95
C ASP A 36 7.48 10.00 10.91
N ALA A 37 8.04 8.81 10.99
CA ALA A 37 7.71 7.79 11.98
C ALA A 37 8.80 7.76 13.06
N LEU A 38 8.61 6.90 14.08
CA LEU A 38 9.65 6.70 15.08
C LEU A 38 10.88 6.03 14.48
N ILE A 39 10.64 5.20 13.47
CA ILE A 39 11.61 4.33 12.83
C ILE A 39 11.45 4.50 11.33
N ARG A 40 12.56 4.57 10.58
CA ARG A 40 12.53 4.67 9.12
C ARG A 40 13.14 3.46 8.49
N ARG A 41 12.61 3.03 7.36
CA ARG A 41 13.21 1.95 6.57
C ARG A 41 14.32 2.54 5.74
N ASP A 42 15.54 2.05 5.94
CA ASP A 42 16.74 2.53 5.27
C ASP A 42 16.97 1.68 4.00
N TYR A 43 16.18 2.00 2.99
CA TYR A 43 16.14 1.23 1.75
C TYR A 43 17.49 1.08 1.07
N PHE A 44 18.35 2.08 1.17
CA PHE A 44 19.66 2.09 0.51
C PHE A 44 20.83 1.79 1.42
N ALA A 45 20.55 1.25 2.60
CA ALA A 45 21.65 0.92 3.51
C ALA A 45 22.52 -0.16 2.91
N ASP A 46 23.83 -0.09 3.23
CA ASP A 46 24.79 -1.13 2.87
C ASP A 46 24.82 -1.45 1.37
N GLY A 47 24.66 -0.40 0.56
CA GLY A 47 24.72 -0.54 -0.88
C GLY A 47 23.54 -1.21 -1.57
N ALA A 48 22.43 -1.37 -0.84
CA ALA A 48 21.27 -2.01 -1.43
C ALA A 48 20.64 -1.13 -2.51
N LYS A 49 20.09 -1.79 -3.53
CA LYS A 49 19.44 -1.12 -4.63
C LYS A 49 17.99 -0.81 -4.30
N GLY A 50 17.82 -0.10 -3.21
CA GLY A 50 16.50 0.40 -2.82
C GLY A 50 15.57 -0.58 -2.16
N ASN A 51 16.07 -1.76 -1.77
CA ASN A 51 15.25 -2.82 -1.22
C ASN A 51 15.65 -3.31 0.15
N ASN A 52 16.59 -2.61 0.83
CA ASN A 52 16.98 -3.07 2.15
C ASN A 52 15.80 -2.94 3.11
N ILE A 53 15.57 -3.95 3.93
CA ILE A 53 14.52 -3.95 4.97
C ILE A 53 14.99 -3.35 6.31
N LYS A 54 16.24 -2.94 6.45
CA LYS A 54 16.79 -2.38 7.67
C LYS A 54 15.98 -1.22 8.19
N LEU A 55 15.69 -1.22 9.49
CA LEU A 55 15.00 -0.15 10.14
C LEU A 55 15.92 0.60 11.03
N VAL A 56 15.86 1.90 11.00
CA VAL A 56 16.76 2.78 11.74
C VAL A 56 15.97 3.78 12.55
N PRO A 57 16.55 4.27 13.65
CA PRO A 57 15.88 5.33 14.40
C PRO A 57 15.61 6.59 13.59
N ALA A 58 14.42 7.18 13.78
CA ALA A 58 14.03 8.40 13.13
C ALA A 58 13.50 9.38 14.23
N LEU A 59 12.19 9.53 14.48
CA LEU A 59 11.76 10.39 15.58
C LEU A 59 12.13 9.81 16.91
N ALA A 60 12.33 8.53 17.03
CA ALA A 60 12.91 7.94 18.24
C ALA A 60 14.41 7.99 18.08
N GLU A 61 15.13 8.60 18.99
CA GLU A 61 16.58 8.54 18.96
C GLU A 61 17.10 7.15 19.30
N SER A 62 16.43 6.46 20.20
CA SER A 62 16.79 5.10 20.57
C SER A 62 15.59 4.41 21.16
N PHE A 63 15.65 3.11 21.32
CA PHE A 63 14.59 2.33 21.92
C PHE A 63 15.10 1.01 22.42
N GLU A 64 14.49 0.52 23.49
CA GLU A 64 14.86 -0.74 24.08
C GLU A 64 13.62 -1.46 24.52
N ARG A 65 13.41 -2.67 23.98
CA ARG A 65 12.36 -3.56 24.39
C ARG A 65 12.47 -3.90 25.86
N ILE A 66 11.34 -3.90 26.57
CA ILE A 66 11.27 -4.18 27.99
C ILE A 66 10.99 -5.65 28.21
N ASP A 67 10.01 -6.17 27.45
CA ASP A 67 9.59 -7.56 27.60
C ASP A 67 8.89 -7.98 26.31
N ASP A 68 8.14 -9.08 26.33
CA ASP A 68 7.52 -9.58 25.12
C ASP A 68 6.37 -8.74 24.62
N LYS A 69 5.97 -7.67 25.31
CA LYS A 69 4.86 -6.88 24.85
C LYS A 69 5.03 -5.37 24.98
N SER A 70 6.26 -4.89 25.15
N SER A 70 6.26 -4.89 25.25
CA SER A 70 6.45 -3.45 25.34
CA SER A 70 6.49 -3.46 25.43
C SER A 70 7.84 -3.00 25.09
C SER A 70 7.88 -3.02 24.98
N ILE A 71 7.95 -1.76 24.55
CA ILE A 71 9.20 -1.14 24.17
C ILE A 71 9.20 0.28 24.71
N ARG A 72 10.32 0.71 25.29
CA ARG A 72 10.55 2.08 25.72
C ARG A 72 11.29 2.87 24.65
N PHE A 73 10.74 3.99 24.24
CA PHE A 73 11.31 4.86 23.22
C PHE A 73 11.81 6.16 23.81
N LYS A 74 13.05 6.56 23.49
N LYS A 74 13.06 6.53 23.53
CA LYS A 74 13.61 7.86 23.85
CA LYS A 74 13.62 7.82 23.83
C LYS A 74 13.52 8.73 22.62
C LYS A 74 13.38 8.65 22.55
N LEU A 75 12.71 9.79 22.67
CA LEU A 75 12.41 10.63 21.51
C LEU A 75 13.43 11.67 21.24
N ARG A 76 13.61 11.99 19.95
N ARG A 76 13.59 12.02 19.95
CA ARG A 76 14.49 13.07 19.52
CA ARG A 76 14.42 13.15 19.59
C ARG A 76 13.85 14.39 20.04
C ARG A 76 13.82 14.42 20.21
N GLN A 77 14.69 15.31 20.62
CA GLN A 77 14.29 16.54 21.24
C GLN A 77 14.40 17.73 20.30
N GLY A 78 13.46 18.64 20.41
CA GLY A 78 13.49 19.85 19.61
C GLY A 78 12.92 19.69 18.21
N VAL A 79 12.24 18.59 17.95
CA VAL A 79 11.61 18.37 16.66
C VAL A 79 10.34 19.18 16.62
N LYS A 80 10.11 19.90 15.53
N LYS A 80 10.10 19.92 15.54
CA LYS A 80 8.92 20.72 15.36
CA LYS A 80 8.88 20.70 15.41
C LYS A 80 7.99 20.22 14.28
C LYS A 80 7.99 20.18 14.32
N PHE A 81 6.70 20.21 14.60
CA PHE A 81 5.65 20.01 13.60
C PHE A 81 5.64 21.29 12.73
N HIS A 82 5.02 21.23 11.58
CA HIS A 82 4.98 22.33 10.63
C HIS A 82 4.28 23.55 11.18
N ASN A 83 3.41 23.41 12.17
CA ASN A 83 2.77 24.60 12.79
C ASN A 83 3.63 25.21 13.91
N GLY A 84 4.83 24.70 14.15
CA GLY A 84 5.72 25.21 15.17
C GLY A 84 5.67 24.48 16.51
N ALA A 85 4.65 23.64 16.73
CA ALA A 85 4.54 22.90 18.00
C ALA A 85 5.66 21.86 18.14
N GLU A 86 6.23 21.72 19.32
CA GLU A 86 7.28 20.73 19.54
C GLU A 86 6.64 19.36 19.66
N MET A 87 7.24 18.38 19.00
N MET A 87 7.26 18.38 19.03
CA MET A 87 6.82 16.96 19.07
CA MET A 87 6.86 17.01 19.21
C MET A 87 7.34 16.36 20.40
C MET A 87 7.32 16.55 20.58
N THR A 88 6.42 15.85 21.26
CA THR A 88 6.74 15.26 22.55
C THR A 88 6.11 13.86 22.65
N ALA A 89 6.36 13.18 23.77
CA ALA A 89 5.73 11.91 24.05
C ALA A 89 4.21 11.98 24.01
N GLU A 90 3.61 13.15 24.28
CA GLU A 90 2.15 13.25 24.20
C GLU A 90 1.64 12.98 22.78
N ASP A 91 2.36 13.44 21.77
CA ASP A 91 1.99 13.22 20.38
C ASP A 91 2.19 11.78 19.95
N VAL A 92 3.26 11.18 20.40
CA VAL A 92 3.51 9.76 20.05
C VAL A 92 2.46 8.89 20.75
N ALA A 93 2.18 9.13 22.03
CA ALA A 93 1.12 8.37 22.71
C ALA A 93 -0.23 8.56 22.02
N PHE A 94 -0.57 9.79 21.60
CA PHE A 94 -1.82 10.02 20.90
C PHE A 94 -1.89 9.25 19.60
N THR A 95 -0.76 9.24 18.85
CA THR A 95 -0.70 8.54 17.56
C THR A 95 -1.15 7.09 17.67
N PHE A 96 -0.74 6.43 18.75
CA PHE A 96 -1.04 5.00 18.94
C PHE A 96 -2.06 4.75 20.05
N SER A 97 -2.92 5.72 20.29
CA SER A 97 -3.92 5.66 21.34
C SER A 97 -5.21 5.01 20.89
N SER A 98 -5.99 4.58 21.90
N SER A 98 -6.02 4.52 21.86
CA SER A 98 -7.33 4.11 21.65
CA SER A 98 -7.36 4.05 21.47
C SER A 98 -8.17 5.22 21.01
C SER A 98 -8.23 5.23 20.98
N GLU A 99 -8.02 6.45 21.50
CA GLU A 99 -8.79 7.62 21.04
C GLU A 99 -8.61 7.89 19.57
N ARG A 100 -7.36 7.78 19.07
CA ARG A 100 -7.11 8.11 17.66
C ARG A 100 -7.15 6.95 16.73
N LEU A 101 -6.59 5.80 17.16
CA LEU A 101 -6.26 4.73 16.25
C LEU A 101 -7.12 3.48 16.35
N TRP A 102 -7.23 2.86 17.52
CA TRP A 102 -7.74 1.50 17.58
C TRP A 102 -8.98 1.28 18.40
N GLY A 103 -9.48 2.26 19.10
CA GLY A 103 -10.71 2.12 19.87
C GLY A 103 -11.91 2.05 18.96
N ASP A 104 -13.04 1.66 19.55
CA ASP A 104 -14.28 1.56 18.77
C ASP A 104 -14.69 2.87 18.13
N GLU A 105 -14.54 4.00 18.79
CA GLU A 105 -14.92 5.28 18.24
C GLU A 105 -13.92 5.71 17.17
N ALA A 106 -12.61 5.48 17.43
CA ALA A 106 -11.59 5.84 16.44
C ALA A 106 -11.83 5.25 15.09
N ILE A 107 -12.19 3.97 15.04
CA ILE A 107 -12.28 3.27 13.76
C ILE A 107 -13.50 3.71 12.96
N LYS A 108 -14.37 4.57 13.52
CA LYS A 108 -15.45 5.13 12.72
C LYS A 108 -14.88 6.17 11.72
N THR A 109 -13.74 6.83 12.04
CA THR A 109 -13.14 7.81 11.15
C THR A 109 -11.75 7.36 10.63
N VAL A 110 -11.14 6.32 11.21
CA VAL A 110 -9.88 5.74 10.72
C VAL A 110 -10.19 4.25 10.57
N PRO A 111 -10.87 3.85 9.49
CA PRO A 111 -11.45 2.49 9.44
C PRO A 111 -10.53 1.32 9.57
N ASN A 112 -9.28 1.46 9.15
CA ASN A 112 -8.30 0.38 9.28
C ASN A 112 -7.32 0.55 10.46
N GLY A 113 -7.67 1.43 11.39
CA GLY A 113 -6.80 1.69 12.55
C GLY A 113 -6.50 0.45 13.38
N ARG A 114 -7.49 -0.38 13.59
CA ARG A 114 -7.28 -1.64 14.33
C ARG A 114 -6.77 -2.74 13.42
N ASN A 115 -7.23 -2.78 12.17
CA ASN A 115 -6.78 -3.83 11.23
C ASN A 115 -5.30 -3.82 10.98
N TYR A 116 -4.69 -2.64 10.88
CA TYR A 116 -3.28 -2.51 10.59
C TYR A 116 -2.41 -2.36 11.83
N SER A 117 -2.99 -2.62 13.00
CA SER A 117 -2.28 -2.55 14.24
C SER A 117 -2.10 -3.94 14.86
N PRO A 118 -1.13 -4.08 15.76
CA PRO A 118 -1.11 -5.26 16.61
C PRO A 118 -2.22 -5.03 17.69
N ASN A 119 -2.27 -5.90 18.66
CA ASN A 119 -3.23 -5.80 19.72
C ASN A 119 -2.72 -4.71 20.73
N TRP A 120 -2.75 -3.42 20.37
CA TRP A 120 -2.22 -2.37 21.27
C TRP A 120 -2.90 -2.34 22.61
N ASP A 121 -2.14 -2.00 23.63
CA ASP A 121 -2.64 -1.47 24.87
C ASP A 121 -2.33 0.06 24.80
N GLU A 122 -2.88 0.83 25.73
N GLU A 122 -2.84 0.81 25.78
CA GLU A 122 -2.72 2.26 25.72
CA GLU A 122 -2.68 2.26 25.79
C GLU A 122 -1.26 2.66 26.01
C GLU A 122 -1.23 2.63 26.00
N PRO A 123 -0.67 3.53 25.19
CA PRO A 123 0.69 4.00 25.46
C PRO A 123 0.84 4.62 26.84
N VAL A 124 2.05 4.58 27.37
CA VAL A 124 2.37 5.20 28.66
C VAL A 124 3.39 6.31 28.42
N VAL A 125 3.05 7.55 28.77
CA VAL A 125 3.98 8.66 28.72
C VAL A 125 4.74 8.66 30.03
N GLU A 126 6.07 8.51 29.99
CA GLU A 126 6.91 8.49 31.18
C GLU A 126 7.48 9.87 31.45
N ASP A 127 7.92 10.59 30.44
CA ASP A 127 8.36 11.98 30.55
C ASP A 127 8.20 12.66 29.21
N LYS A 128 8.61 13.91 29.09
CA LYS A 128 8.42 14.69 27.88
C LYS A 128 8.93 13.98 26.61
N TYR A 129 10.02 13.25 26.76
CA TYR A 129 10.63 12.59 25.63
C TYR A 129 10.77 11.09 25.80
N THR A 130 9.91 10.46 26.60
CA THR A 130 10.01 9.02 26.82
C THR A 130 8.63 8.44 26.84
N VAL A 131 8.38 7.45 25.99
CA VAL A 131 7.08 6.83 25.88
C VAL A 131 7.25 5.33 25.75
N VAL A 132 6.35 4.55 26.36
CA VAL A 132 6.31 3.12 26.23
C VAL A 132 5.12 2.77 25.37
N LEU A 133 5.38 2.01 24.31
CA LEU A 133 4.36 1.50 23.39
C LEU A 133 4.27 0.00 23.67
N ARG A 134 3.06 -0.51 23.71
CA ARG A 134 2.84 -1.87 24.23
C ARG A 134 1.62 -2.50 23.68
N THR A 135 1.64 -3.86 23.71
CA THR A 135 0.51 -4.66 23.28
C THR A 135 -0.05 -5.41 24.47
N LYS A 136 -1.33 -5.77 24.35
CA LYS A 136 -2.04 -6.50 25.42
C LYS A 136 -1.60 -7.96 25.51
N THR A 137 -1.14 -8.53 24.38
CA THR A 137 -0.59 -9.87 24.27
C THR A 137 0.80 -9.81 23.64
N PRO A 138 1.63 -10.85 23.80
CA PRO A 138 2.98 -10.80 23.25
C PRO A 138 3.08 -10.46 21.79
N SER A 139 4.07 -9.62 21.42
CA SER A 139 4.34 -9.28 20.03
C SER A 139 5.80 -8.98 19.86
N TYR A 140 6.47 -9.72 18.94
CA TYR A 140 7.83 -9.43 18.51
C TYR A 140 7.82 -8.80 17.15
N LEU A 141 6.69 -8.09 16.80
CA LEU A 141 6.59 -7.32 15.59
C LEU A 141 6.39 -5.83 15.85
N ILE A 142 6.41 -5.39 17.11
CA ILE A 142 6.09 -3.99 17.42
C ILE A 142 6.96 -3.03 16.67
N GLU A 143 8.28 -3.24 16.67
CA GLU A 143 9.17 -2.33 15.94
C GLU A 143 8.84 -2.28 14.46
N LYS A 144 8.50 -3.47 13.90
CA LYS A 144 8.16 -3.56 12.49
C LYS A 144 6.89 -2.75 12.16
N TYR A 145 5.87 -2.83 12.99
CA TYR A 145 4.69 -2.03 12.80
C TYR A 145 5.04 -0.51 12.82
N LEU A 146 5.89 -0.12 13.80
CA LEU A 146 6.22 1.28 13.96
C LEU A 146 7.09 1.83 12.84
N GLY A 147 7.78 1.00 12.08
CA GLY A 147 8.51 1.41 10.92
C GLY A 147 7.75 1.26 9.61
N SER A 148 6.51 0.83 9.68
CA SER A 148 5.64 0.63 8.53
C SER A 148 4.83 1.88 8.26
N TRP A 149 3.91 1.83 7.28
CA TRP A 149 3.00 2.91 7.02
C TRP A 149 1.98 3.16 8.12
N LEU A 150 1.94 2.29 9.16
CA LEU A 150 1.17 2.63 10.36
C LEU A 150 1.85 3.76 11.15
N GLY A 151 3.17 3.89 11.01
CA GLY A 151 3.97 4.68 11.94
C GLY A 151 4.00 6.18 11.93
N PRO A 152 3.53 6.93 10.93
CA PRO A 152 3.66 8.40 11.00
C PRO A 152 3.11 9.00 12.27
N ILE A 153 3.89 9.92 12.86
CA ILE A 153 3.48 10.61 14.11
C ILE A 153 2.68 11.87 13.78
N VAL A 154 1.51 11.99 14.38
CA VAL A 154 0.61 13.11 14.19
C VAL A 154 0.59 14.01 15.39
N PRO A 155 0.29 15.30 15.18
CA PRO A 155 0.27 16.28 16.29
C PRO A 155 -1.05 16.17 17.07
N LYS A 156 -0.98 15.88 18.35
CA LYS A 156 -2.18 15.68 19.15
C LYS A 156 -3.19 16.83 19.12
N GLU A 157 -2.75 18.02 19.53
CA GLU A 157 -3.73 19.09 19.69
C GLU A 157 -4.35 19.49 18.35
N TYR A 158 -3.53 19.60 17.30
CA TYR A 158 -4.04 19.99 15.99
C TYR A 158 -4.96 18.92 15.44
N TYR A 159 -4.53 17.65 15.51
CA TYR A 159 -5.37 16.55 15.00
C TYR A 159 -6.71 16.49 15.73
N LYS A 160 -6.68 16.60 17.06
CA LYS A 160 -7.93 16.58 17.83
C LYS A 160 -8.85 17.73 17.45
N SER A 161 -8.28 18.90 17.19
CA SER A 161 -9.07 20.07 16.84
C SER A 161 -9.81 19.93 15.53
N LEU A 162 -9.28 19.12 14.60
N LEU A 162 -9.31 19.10 14.62
CA LEU A 162 -9.87 18.93 13.29
CA LEU A 162 -9.94 18.93 13.31
C LEU A 162 -10.67 17.66 13.12
C LEU A 162 -10.70 17.65 13.12
N GLY A 163 -10.24 16.56 13.74
CA GLY A 163 -10.75 15.22 13.49
C GLY A 163 -10.03 14.63 12.28
N ALA A 164 -10.12 13.33 12.10
CA ALA A 164 -9.36 12.65 11.04
C ALA A 164 -9.70 13.08 9.64
N VAL A 165 -10.98 13.33 9.33
CA VAL A 165 -11.36 13.69 7.97
C VAL A 165 -10.79 15.04 7.60
N ALA A 166 -11.01 16.07 8.42
CA ALA A 166 -10.51 17.40 8.09
C ALA A 166 -8.98 17.44 8.16
N PHE A 167 -8.38 16.72 9.12
CA PHE A 167 -6.91 16.63 9.18
C PHE A 167 -6.34 16.07 7.86
N GLY A 168 -7.04 15.11 7.26
CA GLY A 168 -6.63 14.52 5.99
C GLY A 168 -6.59 15.48 4.83
N ASN A 169 -7.32 16.58 4.92
CA ASN A 169 -7.32 17.62 3.89
C ASN A 169 -6.38 18.77 4.23
N LYS A 170 -5.85 18.82 5.45
CA LYS A 170 -4.93 19.90 5.88
C LYS A 170 -3.94 19.31 6.90
N PRO A 171 -3.11 18.38 6.45
CA PRO A 171 -2.25 17.66 7.38
C PRO A 171 -1.09 18.49 7.90
N ILE A 172 -0.67 18.21 9.13
CA ILE A 172 0.51 18.80 9.75
C ILE A 172 1.35 17.62 10.24
N GLY A 173 2.63 17.60 9.91
CA GLY A 173 3.56 16.57 10.34
C GLY A 173 4.89 17.18 10.72
N THR A 174 5.92 16.35 10.86
CA THR A 174 7.27 16.79 11.15
C THR A 174 8.20 16.64 9.94
N GLY A 175 7.71 16.13 8.81
CA GLY A 175 8.52 15.74 7.69
C GLY A 175 9.16 16.85 6.91
N PRO A 176 9.98 16.45 5.93
CA PRO A 176 10.78 17.43 5.17
C PRO A 176 10.02 18.35 4.24
N TYR A 177 8.77 18.04 3.94
CA TYR A 177 7.92 18.88 3.10
C TYR A 177 6.61 19.10 3.81
N LYS A 178 6.13 20.30 3.78
CA LYS A 178 4.86 20.65 4.42
C LYS A 178 3.76 20.84 3.40
N PHE A 179 2.54 20.58 3.81
CA PHE A 179 1.38 20.73 2.96
C PHE A 179 1.14 22.16 2.59
N ARG A 180 0.87 22.40 1.28
CA ARG A 180 0.50 23.73 0.78
C ARG A 180 -0.93 23.72 0.22
N GLU A 181 -1.27 22.79 -0.66
CA GLU A 181 -2.58 22.79 -1.30
C GLU A 181 -3.01 21.44 -1.76
N LEU A 182 -4.33 21.21 -1.76
CA LEU A 182 -4.99 20.04 -2.31
C LEU A 182 -6.08 20.56 -3.23
N VAL A 183 -6.11 20.06 -4.45
CA VAL A 183 -7.24 20.22 -5.37
C VAL A 183 -7.66 18.81 -5.71
N ALA A 184 -8.85 18.41 -5.23
CA ALA A 184 -9.32 17.05 -5.36
C ALA A 184 -9.30 16.58 -6.77
N ASN A 185 -8.79 15.36 -7.00
CA ASN A 185 -8.67 14.73 -8.31
C ASN A 185 -7.78 15.47 -9.29
N ASP A 186 -6.99 16.44 -8.79
CA ASP A 186 -6.09 17.21 -9.65
C ASP A 186 -4.64 17.22 -9.11
N HIS A 187 -4.39 17.81 -7.94
CA HIS A 187 -3.01 17.81 -7.46
C HIS A 187 -2.91 18.07 -5.98
N VAL A 188 -1.74 17.69 -5.43
CA VAL A 188 -1.29 18.10 -4.12
C VAL A 188 0.02 18.83 -4.31
N THR A 189 0.17 19.98 -3.65
CA THR A 189 1.43 20.72 -3.63
C THR A 189 1.96 20.72 -2.20
N LEU A 190 3.22 20.38 -2.06
CA LEU A 190 3.99 20.49 -0.84
C LEU A 190 5.08 21.51 -1.03
N GLU A 191 5.59 22.07 0.07
CA GLU A 191 6.69 23.01 0.03
C GLU A 191 7.76 22.61 0.99
N ALA A 192 9.00 22.98 0.75
CA ALA A 192 10.11 22.66 1.62
C ALA A 192 9.84 23.08 3.05
N ASN A 193 10.14 22.20 3.99
CA ASN A 193 10.14 22.52 5.41
C ASN A 193 11.60 22.79 5.79
N ASP A 194 11.96 24.08 5.78
CA ASP A 194 13.36 24.42 6.11
C ASP A 194 13.64 24.34 7.59
N GLY A 195 12.64 24.02 8.43
CA GLY A 195 12.84 23.73 9.83
C GLY A 195 13.02 22.26 10.10
N TYR A 196 13.14 21.45 9.04
CA TYR A 196 13.25 20.00 9.21
C TYR A 196 14.42 19.61 10.09
N TRP A 197 14.24 18.61 10.93
CA TRP A 197 15.26 18.11 11.85
C TRP A 197 16.34 17.27 11.17
N GLY A 198 16.05 16.70 10.01
CA GLY A 198 17.00 15.88 9.28
C GLY A 198 17.67 16.67 8.17
N ASP A 199 18.05 16.00 7.07
CA ASP A 199 18.72 16.68 5.97
C ASP A 199 17.77 17.67 5.32
N LYS A 200 18.29 18.82 4.98
CA LYS A 200 17.49 19.91 4.41
C LYS A 200 16.84 19.50 3.09
N PRO A 201 15.54 19.80 2.90
CA PRO A 201 14.90 19.44 1.61
C PRO A 201 15.62 20.09 0.44
N THR A 202 15.71 19.35 -0.69
CA THR A 202 16.39 19.81 -1.89
C THR A 202 15.48 20.38 -2.95
N ALA A 203 14.16 20.20 -2.84
CA ALA A 203 13.21 20.85 -3.76
C ALA A 203 12.51 22.01 -3.06
N SER A 204 12.13 23.05 -3.81
CA SER A 204 11.38 24.15 -3.23
C SER A 204 9.95 23.76 -2.98
N THR A 205 9.37 23.07 -3.97
CA THR A 205 8.02 22.52 -3.94
C THR A 205 8.01 21.16 -4.60
N ILE A 206 7.02 20.33 -4.22
CA ILE A 206 6.77 19.05 -4.89
C ILE A 206 5.29 19.08 -5.23
N THR A 207 4.96 18.87 -6.50
CA THR A 207 3.59 18.79 -6.96
C THR A 207 3.32 17.41 -7.47
N TYR A 208 2.25 16.79 -7.03
CA TYR A 208 1.77 15.49 -7.49
C TYR A 208 0.54 15.79 -8.32
N GLN A 209 0.63 15.64 -9.61
CA GLN A 209 -0.41 16.01 -10.56
C GLN A 209 -1.01 14.77 -11.17
N VAL A 210 -2.33 14.59 -11.05
CA VAL A 210 -3.01 13.44 -11.62
C VAL A 210 -3.07 13.57 -13.12
N VAL A 211 -2.54 12.56 -13.80
CA VAL A 211 -2.63 12.39 -15.27
C VAL A 211 -3.01 10.95 -15.42
N ALA A 212 -4.26 10.70 -15.70
CA ALA A 212 -4.79 9.35 -15.59
C ALA A 212 -4.19 8.31 -16.50
N GLU A 213 -3.94 8.67 -17.76
CA GLU A 213 -3.49 7.71 -18.74
C GLU A 213 -1.96 7.62 -18.82
N PRO A 214 -1.35 6.44 -18.84
CA PRO A 214 0.12 6.37 -18.92
C PRO A 214 0.67 7.01 -20.20
N ALA A 215 -0.02 6.90 -21.35
CA ALA A 215 0.53 7.54 -22.56
C ALA A 215 0.60 9.05 -22.40
N THR A 216 -0.40 9.65 -21.73
CA THR A 216 -0.42 11.07 -21.53
C THR A 216 0.67 11.48 -20.54
N ARG A 217 0.95 10.65 -19.52
CA ARG A 217 2.07 10.92 -18.62
C ARG A 217 3.38 10.91 -19.35
N VAL A 218 3.60 9.91 -20.22
CA VAL A 218 4.82 9.85 -21.01
C VAL A 218 4.94 11.09 -21.89
N ALA A 219 3.85 11.48 -22.55
CA ALA A 219 3.89 12.71 -23.36
C ALA A 219 4.24 13.93 -22.54
N GLY A 220 3.78 14.02 -21.29
CA GLY A 220 4.11 15.17 -20.44
C GLY A 220 5.55 15.16 -19.96
N LEU A 221 6.15 13.98 -19.78
CA LEU A 221 7.57 13.93 -19.48
C LEU A 221 8.37 14.40 -20.70
N ILE A 222 7.99 13.93 -21.89
CA ILE A 222 8.67 14.34 -23.13
C ILE A 222 8.53 15.82 -23.34
N SER A 223 7.37 16.40 -23.05
CA SER A 223 7.14 17.83 -23.31
C SER A 223 7.78 18.73 -22.27
N GLY A 224 8.24 18.20 -21.16
CA GLY A 224 8.84 18.99 -20.11
C GLY A 224 7.91 19.44 -19.00
N GLU A 225 6.68 18.94 -19.00
CA GLU A 225 5.71 19.28 -17.96
C GLU A 225 5.97 18.58 -16.64
N TYR A 226 6.62 17.42 -16.66
CA TYR A 226 6.88 16.64 -15.47
C TYR A 226 8.34 16.28 -15.38
N ASP A 227 8.86 16.13 -14.16
CA ASP A 227 10.22 15.69 -13.91
C ASP A 227 10.30 14.18 -13.70
N ILE A 228 9.25 13.61 -13.08
CA ILE A 228 9.11 12.19 -12.80
C ILE A 228 7.68 11.82 -13.12
N ILE A 229 7.43 10.64 -13.69
CA ILE A 229 6.11 10.08 -13.89
C ILE A 229 6.06 8.67 -13.31
N THR A 230 4.90 8.27 -12.82
CA THR A 230 4.71 7.02 -12.13
C THR A 230 3.91 6.03 -12.96
N THR A 231 3.90 4.79 -12.47
CA THR A 231 2.95 3.75 -12.83
C THR A 231 2.98 3.41 -14.30
N LEU A 232 4.19 3.16 -14.80
CA LEU A 232 4.37 2.72 -16.18
C LEU A 232 4.63 1.22 -16.17
N THR A 233 4.74 0.65 -17.38
CA THR A 233 5.07 -0.78 -17.51
C THR A 233 6.42 -0.91 -18.18
N PRO A 234 6.98 -2.13 -18.19
CA PRO A 234 8.20 -2.36 -18.95
C PRO A 234 8.04 -2.04 -20.44
N ASP A 235 6.86 -2.26 -21.00
CA ASP A 235 6.60 -1.98 -22.43
C ASP A 235 6.70 -0.47 -22.74
N ASP A 236 6.51 0.40 -21.72
CA ASP A 236 6.68 1.84 -21.93
C ASP A 236 8.11 2.29 -22.09
N MET A 237 9.09 1.42 -21.81
N MET A 237 9.13 1.44 -21.79
CA MET A 237 10.49 1.79 -21.92
CA MET A 237 10.52 1.87 -21.96
C MET A 237 10.83 2.17 -23.38
C MET A 237 10.80 2.23 -23.41
N ALA A 238 10.18 1.52 -24.37
CA ALA A 238 10.41 1.85 -25.79
C ALA A 238 9.98 3.25 -26.14
N LEU A 239 8.95 3.79 -25.47
CA LEU A 239 8.47 5.13 -25.78
C LEU A 239 9.47 6.22 -25.47
N VAL A 240 10.48 5.95 -24.62
N VAL A 240 10.49 5.95 -24.68
CA VAL A 240 11.55 6.89 -24.28
CA VAL A 240 11.51 6.95 -24.44
C VAL A 240 12.82 6.69 -25.18
C VAL A 240 12.85 6.59 -25.11
N ASP A 241 12.80 5.75 -26.17
CA ASP A 241 13.94 5.54 -27.05
C ASP A 241 14.21 6.83 -27.79
N GLY A 242 15.44 7.29 -27.76
CA GLY A 242 15.80 8.49 -28.50
C GLY A 242 15.61 9.79 -27.73
N TYR A 243 15.47 9.75 -26.40
CA TYR A 243 15.45 11.00 -25.61
C TYR A 243 16.65 10.98 -24.71
N SER A 244 17.70 11.71 -25.04
CA SER A 244 18.92 11.67 -24.25
C SER A 244 18.74 12.21 -22.83
N ASP A 245 17.72 13.03 -22.60
CA ASP A 245 17.52 13.68 -21.31
C ASP A 245 16.60 12.94 -20.39
N LEU A 246 16.08 11.78 -20.83
CA LEU A 246 15.12 10.99 -20.07
C LEU A 246 15.53 9.54 -19.92
N GLU A 247 14.96 8.86 -18.93
CA GLU A 247 15.19 7.43 -18.78
C GLU A 247 14.09 6.82 -17.96
N THR A 248 13.98 5.50 -18.00
CA THR A 248 13.14 4.76 -17.07
C THR A 248 13.96 4.29 -15.86
N ARG A 249 13.29 4.14 -14.72
CA ARG A 249 13.89 3.64 -13.48
C ARG A 249 12.84 2.69 -12.89
N GLY A 250 13.18 1.43 -12.74
CA GLY A 250 12.21 0.44 -12.27
C GLY A 250 12.74 -0.48 -11.20
N THR A 251 11.84 -1.18 -10.56
CA THR A 251 12.20 -2.20 -9.58
C THR A 251 10.98 -3.04 -9.31
N LEU A 252 11.21 -4.29 -8.89
CA LEU A 252 10.17 -5.09 -8.29
C LEU A 252 9.79 -4.41 -6.97
N ILE A 253 8.51 -4.39 -6.67
CA ILE A 253 8.07 -3.80 -5.40
C ILE A 253 7.30 -4.84 -4.57
N GLU A 254 7.22 -4.56 -3.30
CA GLU A 254 6.56 -5.46 -2.33
C GLU A 254 5.07 -5.18 -2.25
N ASN A 255 4.40 -5.51 -3.36
CA ASN A 255 3.00 -5.28 -3.59
C ASN A 255 2.51 -6.41 -4.48
N LEU A 256 1.26 -6.87 -4.25
CA LEU A 256 0.65 -7.89 -5.07
C LEU A 256 -0.53 -7.32 -5.82
N HIS A 257 -0.48 -7.38 -7.15
CA HIS A 257 -1.64 -7.13 -7.97
C HIS A 257 -2.52 -8.35 -7.87
N MET A 258 -3.82 -8.13 -7.79
N MET A 258 -3.82 -8.10 -7.83
CA MET A 258 -4.78 -9.23 -7.71
CA MET A 258 -4.81 -9.15 -7.64
C MET A 258 -6.10 -8.81 -8.30
C MET A 258 -6.12 -8.79 -8.28
N PHE A 259 -7.02 -9.78 -8.37
CA PHE A 259 -8.41 -9.51 -8.59
C PHE A 259 -9.20 -10.20 -7.47
N THR A 260 -10.40 -9.65 -7.20
CA THR A 260 -11.20 -10.11 -6.08
C THR A 260 -12.67 -9.89 -6.37
N PHE A 261 -13.52 -10.34 -5.47
CA PHE A 261 -14.93 -10.45 -5.72
C PHE A 261 -15.76 -9.79 -4.68
N ASN A 262 -16.93 -9.32 -5.07
CA ASN A 262 -17.91 -8.89 -4.12
C ASN A 262 -18.76 -10.13 -3.82
N MET A 263 -18.43 -10.77 -2.71
CA MET A 263 -19.03 -12.03 -2.30
C MET A 263 -20.40 -11.86 -1.65
N ASN A 264 -20.88 -10.62 -1.54
CA ASN A 264 -22.30 -10.40 -1.23
C ASN A 264 -23.15 -10.72 -2.47
N GLN A 265 -22.58 -10.70 -3.69
CA GLN A 265 -23.33 -10.97 -4.90
C GLN A 265 -23.65 -12.46 -4.99
N PRO A 266 -24.90 -12.83 -5.32
CA PRO A 266 -25.24 -14.28 -5.38
C PRO A 266 -24.28 -15.17 -6.13
N ILE A 267 -23.82 -14.71 -7.30
CA ILE A 267 -22.94 -15.53 -8.14
C ILE A 267 -21.58 -15.83 -7.46
N PHE A 268 -21.18 -15.00 -6.50
CA PHE A 268 -19.93 -15.18 -5.78
C PHE A 268 -20.08 -15.47 -4.30
N GLN A 269 -21.28 -15.88 -3.86
CA GLN A 269 -21.45 -16.23 -2.46
C GLN A 269 -20.75 -17.52 -2.13
N ASN A 270 -20.63 -18.45 -3.10
CA ASN A 270 -19.92 -19.70 -2.85
C ASN A 270 -18.59 -19.70 -3.62
N LYS A 271 -17.70 -20.57 -3.24
CA LYS A 271 -16.34 -20.62 -3.78
C LYS A 271 -16.16 -21.19 -5.16
N THR A 272 -17.12 -21.94 -5.71
CA THR A 272 -16.90 -22.75 -6.90
C THR A 272 -16.49 -21.91 -8.11
N LEU A 273 -17.29 -20.92 -8.46
CA LEU A 273 -16.97 -20.08 -9.60
C LEU A 273 -15.74 -19.20 -9.35
N ARG A 274 -15.56 -18.76 -8.09
CA ARG A 274 -14.35 -17.97 -7.75
C ARG A 274 -13.08 -18.76 -8.06
N ARG A 275 -13.08 -20.03 -7.64
CA ARG A 275 -11.93 -20.89 -7.87
C ARG A 275 -11.76 -21.22 -9.36
N ALA A 276 -12.87 -21.36 -10.10
CA ALA A 276 -12.77 -21.56 -11.54
C ALA A 276 -12.08 -20.40 -12.22
N LEU A 277 -12.45 -19.15 -11.82
CA LEU A 277 -11.85 -17.97 -12.35
C LEU A 277 -10.36 -17.94 -12.04
N ALA A 278 -9.98 -18.38 -10.82
CA ALA A 278 -8.59 -18.44 -10.48
C ALA A 278 -7.79 -19.45 -11.31
N LEU A 279 -8.30 -20.69 -11.42
CA LEU A 279 -7.57 -21.74 -12.11
C LEU A 279 -7.47 -21.54 -13.58
N ALA A 280 -8.38 -20.75 -14.17
CA ALA A 280 -8.33 -20.49 -15.60
C ALA A 280 -7.20 -19.53 -16.01
N VAL A 281 -6.61 -18.79 -15.09
CA VAL A 281 -5.63 -17.78 -15.43
C VAL A 281 -4.24 -18.40 -15.59
N ASN A 282 -3.63 -18.16 -16.74
CA ASN A 282 -2.26 -18.58 -17.02
C ASN A 282 -1.34 -17.40 -16.73
N ARG A 283 -0.96 -17.27 -15.47
CA ARG A 283 -0.17 -16.13 -15.04
C ARG A 283 1.18 -16.01 -15.74
N PRO A 284 1.94 -17.12 -15.97
CA PRO A 284 3.20 -16.99 -16.69
C PRO A 284 3.06 -16.38 -18.06
N LEU A 285 1.94 -16.70 -18.77
CA LEU A 285 1.74 -16.14 -20.10
C LEU A 285 1.59 -14.62 -20.02
N ILE A 286 0.88 -14.13 -19.03
CA ILE A 286 0.66 -12.69 -18.87
C ILE A 286 1.97 -11.99 -18.51
N VAL A 287 2.74 -12.56 -17.61
CA VAL A 287 4.02 -12.01 -17.21
C VAL A 287 4.98 -11.95 -18.40
N GLU A 288 5.00 -13.01 -19.22
CA GLU A 288 5.82 -12.99 -20.42
C GLU A 288 5.34 -11.93 -21.39
N ALA A 289 4.05 -11.88 -21.66
CA ALA A 289 3.51 -11.00 -22.67
C ALA A 289 3.57 -9.54 -22.37
N LEU A 290 3.25 -9.15 -21.13
CA LEU A 290 3.07 -7.74 -20.80
C LEU A 290 4.10 -7.12 -19.89
N TRP A 291 4.92 -7.97 -19.27
CA TRP A 291 5.89 -7.52 -18.30
C TRP A 291 7.32 -7.83 -18.65
N LYS A 292 7.58 -8.31 -19.89
CA LYS A 292 8.95 -8.73 -20.27
C LYS A 292 9.57 -9.71 -19.28
N ASN A 293 8.76 -10.55 -18.62
CA ASN A 293 9.21 -11.46 -17.60
C ASN A 293 9.89 -10.79 -16.42
N LYS A 294 9.52 -9.52 -16.14
CA LYS A 294 10.11 -8.79 -15.00
C LYS A 294 9.25 -8.79 -13.76
N ALA A 295 7.94 -9.05 -13.90
CA ALA A 295 7.06 -9.23 -12.76
C ALA A 295 7.31 -10.60 -12.17
N SER A 296 6.96 -10.79 -10.90
N SER A 296 6.98 -10.80 -10.92
CA SER A 296 7.22 -12.04 -10.17
CA SER A 296 7.20 -12.10 -10.29
C SER A 296 5.95 -12.72 -9.69
C SER A 296 5.90 -12.72 -9.88
N ILE A 297 5.75 -14.02 -10.07
CA ILE A 297 4.53 -14.72 -9.68
C ILE A 297 4.69 -15.15 -8.27
N PRO A 298 3.74 -14.85 -7.37
CA PRO A 298 4.01 -15.06 -5.97
C PRO A 298 3.93 -16.44 -5.50
N ASN A 299 4.56 -16.64 -4.34
CA ASN A 299 4.48 -17.85 -3.59
C ASN A 299 3.50 -17.45 -2.48
N GLY A 300 2.25 -17.26 -2.85
CA GLY A 300 1.22 -16.84 -1.92
C GLY A 300 1.53 -15.49 -1.30
N PHE A 301 1.30 -15.37 -0.02
CA PHE A 301 1.54 -14.15 0.70
C PHE A 301 2.91 -14.09 1.36
N ASN A 302 3.89 -14.90 0.92
CA ASN A 302 5.24 -14.82 1.47
C ASN A 302 5.85 -13.48 1.01
N PHE A 303 6.61 -12.85 1.91
CA PHE A 303 7.30 -11.60 1.58
C PHE A 303 8.37 -11.88 0.53
N GLU A 318 -1.65 -22.02 -9.58
CA GLU A 318 -1.54 -23.13 -10.54
C GLU A 318 -2.60 -23.00 -11.66
N PHE A 319 -2.17 -22.94 -12.89
CA PHE A 319 -3.06 -22.84 -14.04
C PHE A 319 -3.58 -24.23 -14.36
N ASN A 320 -4.90 -24.42 -14.31
CA ASN A 320 -5.49 -25.73 -14.58
C ASN A 320 -6.86 -25.53 -15.28
N LEU A 321 -6.81 -25.46 -16.61
CA LEU A 321 -8.02 -25.23 -17.39
C LEU A 321 -9.00 -26.39 -17.32
N LYS A 322 -8.49 -27.63 -17.23
CA LYS A 322 -9.38 -28.78 -17.08
C LYS A 322 -10.25 -28.67 -15.83
N GLU A 323 -9.63 -28.35 -14.70
CA GLU A 323 -10.36 -28.24 -13.47
C GLU A 323 -11.23 -26.97 -13.49
N ALA A 324 -10.77 -25.88 -14.10
CA ALA A 324 -11.62 -24.69 -14.17
C ALA A 324 -12.91 -24.98 -14.94
N LYS A 325 -12.80 -25.71 -16.06
CA LYS A 325 -13.99 -26.07 -16.84
C LYS A 325 -14.94 -26.90 -16.03
N ARG A 326 -14.40 -27.86 -15.24
CA ARG A 326 -15.22 -28.71 -14.40
C ARG A 326 -15.96 -27.91 -13.36
N LEU A 327 -15.28 -26.93 -12.73
CA LEU A 327 -15.91 -26.12 -11.71
C LEU A 327 -16.95 -25.17 -12.29
N VAL A 328 -16.77 -24.67 -13.50
CA VAL A 328 -17.77 -23.83 -14.15
C VAL A 328 -19.06 -24.62 -14.31
N LYS A 329 -18.92 -25.86 -14.78
CA LYS A 329 -20.12 -26.68 -14.99
C LYS A 329 -20.77 -27.02 -13.65
N GLU A 330 -19.97 -27.37 -12.65
CA GLU A 330 -20.45 -27.67 -11.29
C GLU A 330 -21.17 -26.50 -10.61
N SER A 331 -20.69 -25.27 -10.85
CA SER A 331 -21.26 -24.08 -10.25
C SER A 331 -22.69 -23.76 -10.69
N GLY A 332 -23.11 -24.25 -11.84
CA GLY A 332 -24.41 -23.90 -12.41
C GLY A 332 -24.40 -22.56 -13.14
N TYR A 333 -23.22 -21.91 -13.27
CA TYR A 333 -23.08 -20.66 -14.05
C TYR A 333 -23.82 -20.74 -15.39
N ASP A 334 -24.64 -19.75 -15.69
CA ASP A 334 -25.55 -19.77 -16.84
C ASP A 334 -25.17 -18.91 -18.05
N GLY A 335 -23.94 -18.40 -18.12
CA GLY A 335 -23.51 -17.57 -19.22
C GLY A 335 -23.79 -16.08 -19.02
N THR A 336 -24.31 -15.68 -17.86
CA THR A 336 -24.56 -14.24 -17.63
C THR A 336 -23.21 -13.49 -17.64
N PRO A 337 -23.06 -12.38 -18.41
CA PRO A 337 -21.79 -11.66 -18.39
C PRO A 337 -21.46 -11.15 -16.99
N ILE A 338 -20.22 -11.35 -16.59
CA ILE A 338 -19.73 -10.88 -15.30
C ILE A 338 -18.83 -9.68 -15.55
N THR A 339 -19.08 -8.55 -14.87
CA THR A 339 -18.24 -7.38 -15.04
C THR A 339 -16.95 -7.46 -14.21
N TYR A 340 -15.93 -6.78 -14.71
CA TYR A 340 -14.65 -6.63 -14.06
C TYR A 340 -14.36 -5.16 -13.97
N HIS A 341 -14.52 -4.59 -12.79
CA HIS A 341 -14.29 -3.15 -12.60
C HIS A 341 -12.82 -2.80 -12.53
N THR A 342 -12.40 -1.83 -13.35
CA THR A 342 -11.03 -1.33 -13.37
C THR A 342 -11.05 0.16 -13.63
N MET A 343 -10.29 0.91 -12.84
N MET A 343 -10.29 0.90 -12.84
CA MET A 343 -10.21 2.36 -12.97
CA MET A 343 -10.20 2.34 -12.97
C MET A 343 -9.15 2.66 -14.03
C MET A 343 -9.14 2.64 -14.02
N GLY A 344 -9.43 2.29 -15.26
CA GLY A 344 -8.45 2.40 -16.33
C GLY A 344 -7.21 1.59 -15.99
N ASN A 345 -6.06 2.20 -16.16
CA ASN A 345 -4.76 1.64 -15.83
C ASN A 345 -4.17 2.28 -14.59
N TYR A 346 -5.03 2.51 -13.58
CA TYR A 346 -4.58 2.87 -12.23
C TYR A 346 -3.51 1.91 -11.72
N TYR A 347 -3.73 0.61 -11.98
CA TYR A 347 -2.74 -0.42 -11.83
C TYR A 347 -2.08 -0.56 -13.21
N ALA A 348 -0.75 -0.58 -13.20
CA ALA A 348 0.02 -0.78 -14.44
C ALA A 348 -0.40 -2.09 -15.10
N ASN A 349 -0.62 -2.05 -16.41
CA ASN A 349 -1.03 -3.20 -17.21
C ASN A 349 -2.43 -3.71 -16.85
N ALA A 350 -3.26 -2.93 -16.13
CA ALA A 350 -4.58 -3.46 -15.74
C ALA A 350 -5.44 -3.89 -16.92
N VAL A 351 -5.55 -3.02 -17.91
CA VAL A 351 -6.46 -3.30 -19.02
C VAL A 351 -5.88 -4.34 -20.00
N PRO A 352 -4.59 -4.30 -20.35
CA PRO A 352 -4.03 -5.38 -21.17
C PRO A 352 -4.08 -6.74 -20.45
N ALA A 353 -3.87 -6.78 -19.14
CA ALA A 353 -3.95 -8.04 -18.40
C ALA A 353 -5.37 -8.53 -18.38
N LEU A 354 -6.33 -7.66 -18.16
CA LEU A 354 -7.73 -8.02 -18.20
C LEU A 354 -8.11 -8.59 -19.54
N MET A 355 -7.62 -8.03 -20.62
N MET A 355 -7.65 -7.98 -20.63
CA MET A 355 -7.93 -8.56 -21.95
CA MET A 355 -7.96 -8.50 -21.97
C MET A 355 -7.46 -10.01 -22.08
C MET A 355 -7.43 -9.94 -22.16
N MET A 356 -6.26 -10.28 -21.61
CA MET A 356 -5.76 -11.65 -21.67
C MET A 356 -6.57 -12.58 -20.78
N MET A 357 -6.94 -12.11 -19.58
CA MET A 357 -7.71 -12.97 -18.68
C MET A 357 -9.12 -13.21 -19.21
N ILE A 358 -9.72 -12.24 -19.90
CA ILE A 358 -11.06 -12.45 -20.51
C ILE A 358 -10.97 -13.62 -21.54
N GLU A 359 -9.87 -13.70 -22.30
N GLU A 359 -9.88 -13.71 -22.32
CA GLU A 359 -9.67 -14.80 -23.24
CA GLU A 359 -9.76 -14.83 -23.25
C GLU A 359 -9.59 -16.13 -22.47
C GLU A 359 -9.51 -16.15 -22.53
N MET A 360 -8.82 -16.11 -21.37
CA MET A 360 -8.63 -17.31 -20.57
C MET A 360 -9.95 -17.77 -19.96
N TRP A 361 -10.75 -16.82 -19.50
CA TRP A 361 -12.03 -17.12 -18.91
C TRP A 361 -13.02 -17.67 -19.94
N LYS A 362 -12.98 -17.10 -21.16
CA LYS A 362 -13.82 -17.62 -22.24
C LYS A 362 -13.48 -19.10 -22.48
N ALA A 363 -12.18 -19.45 -22.46
CA ALA A 363 -11.79 -20.84 -22.70
C ALA A 363 -12.30 -21.80 -21.61
N ALA A 364 -12.62 -21.29 -20.41
CA ALA A 364 -13.20 -22.08 -19.34
C ALA A 364 -14.73 -22.10 -19.35
N GLY A 365 -15.38 -21.28 -20.18
CA GLY A 365 -16.82 -21.18 -20.26
C GLY A 365 -17.42 -19.99 -19.56
N ILE A 366 -16.61 -19.01 -19.17
CA ILE A 366 -17.09 -17.85 -18.41
C ILE A 366 -16.99 -16.61 -19.24
N THR A 367 -18.08 -15.84 -19.32
CA THR A 367 -18.07 -14.55 -20.01
C THR A 367 -17.83 -13.40 -19.06
N VAL A 368 -16.69 -12.74 -19.21
CA VAL A 368 -16.33 -11.58 -18.39
C VAL A 368 -16.16 -10.40 -19.31
N VAL A 369 -16.63 -9.21 -18.88
CA VAL A 369 -16.47 -7.98 -19.65
C VAL A 369 -15.88 -6.88 -18.80
N PRO A 370 -15.11 -5.98 -19.42
CA PRO A 370 -14.60 -4.85 -18.65
C PRO A 370 -15.69 -3.88 -18.26
N LYS A 371 -15.51 -3.25 -17.10
CA LYS A 371 -16.29 -2.11 -16.65
C LYS A 371 -15.26 -1.08 -16.26
N ILE A 372 -14.91 -0.20 -17.21
CA ILE A 372 -13.85 0.76 -17.01
C ILE A 372 -14.49 1.98 -16.38
N PHE A 373 -14.06 2.38 -15.22
CA PHE A 373 -14.63 3.56 -14.52
C PHE A 373 -13.57 4.60 -14.40
N ALA A 374 -14.05 5.85 -14.24
CA ALA A 374 -13.18 7.00 -14.26
C ALA A 374 -12.40 7.31 -12.99
N PRO A 375 -11.21 7.94 -13.08
CA PRO A 375 -10.56 8.47 -11.88
C PRO A 375 -11.47 9.38 -11.08
N GLY A 376 -11.52 9.25 -9.74
CA GLY A 376 -12.41 10.04 -8.91
C GLY A 376 -13.71 9.36 -8.56
N THR A 377 -14.13 8.36 -9.36
CA THR A 377 -15.38 7.67 -9.14
C THR A 377 -15.17 6.51 -8.22
N THR A 378 -16.06 6.34 -7.23
CA THR A 378 -16.07 5.18 -6.37
C THR A 378 -17.35 4.47 -6.74
N PRO A 379 -17.28 3.32 -7.43
CA PRO A 379 -18.50 2.58 -7.73
C PRO A 379 -19.23 2.19 -6.46
N LYS A 380 -20.54 2.03 -6.57
CA LYS A 380 -21.32 1.48 -5.46
C LYS A 380 -20.89 0.02 -5.28
N ASP A 381 -20.74 -0.45 -4.04
CA ASP A 381 -20.32 -1.84 -3.84
C ASP A 381 -21.29 -2.81 -4.54
N SER A 382 -22.59 -2.50 -4.53
CA SER A 382 -23.57 -3.37 -5.16
C SER A 382 -23.46 -3.46 -6.67
N ASP A 383 -22.67 -2.59 -7.32
CA ASP A 383 -22.45 -2.72 -8.76
C ASP A 383 -21.22 -3.57 -9.08
N ILE A 384 -20.45 -3.96 -8.06
CA ILE A 384 -19.24 -4.70 -8.29
C ILE A 384 -19.45 -6.19 -8.24
N LEU A 385 -18.93 -6.89 -9.24
N LEU A 385 -18.95 -6.88 -9.28
N LEU A 385 -18.96 -6.90 -9.26
CA LEU A 385 -18.87 -8.33 -9.28
CA LEU A 385 -18.92 -8.35 -9.37
CA LEU A 385 -18.93 -8.35 -9.30
C LEU A 385 -17.37 -8.64 -9.08
C LEU A 385 -17.44 -8.70 -9.12
C LEU A 385 -17.43 -8.76 -9.11
N ILE A 386 -16.55 -8.61 -10.13
CA ILE A 386 -15.11 -8.79 -9.98
C ILE A 386 -14.53 -7.36 -10.02
N ARG A 387 -13.45 -7.13 -9.30
CA ARG A 387 -12.69 -5.88 -9.35
C ARG A 387 -11.22 -6.22 -9.24
N ASN A 388 -10.36 -5.41 -9.82
CA ASN A 388 -8.93 -5.50 -9.55
C ASN A 388 -8.60 -4.69 -8.29
N TRP A 389 -7.45 -5.03 -7.69
CA TRP A 389 -7.00 -4.46 -6.43
C TRP A 389 -5.52 -4.75 -6.32
N SER A 390 -4.89 -4.28 -5.26
CA SER A 390 -3.57 -4.67 -4.90
C SER A 390 -3.47 -4.68 -3.39
N ASN A 391 -2.49 -5.40 -2.88
CA ASN A 391 -2.14 -5.35 -1.44
C ASN A 391 -0.66 -5.15 -1.26
N GLY A 392 -0.30 -4.08 -0.54
CA GLY A 392 1.10 -3.89 -0.15
C GLY A 392 1.50 -4.96 0.82
N GLN A 393 2.73 -5.36 0.75
CA GLN A 393 3.30 -6.36 1.66
C GLN A 393 4.10 -5.50 2.64
N TRP A 394 3.37 -4.88 3.53
CA TRP A 394 3.77 -3.75 4.35
C TRP A 394 4.52 -4.10 5.63
N LEU A 395 4.71 -5.38 5.91
CA LEU A 395 5.61 -5.91 6.93
C LEU A 395 6.36 -7.05 6.29
N THR A 396 7.52 -7.40 6.80
N THR A 396 7.54 -7.43 6.81
CA THR A 396 8.25 -8.57 6.30
CA THR A 396 8.25 -8.62 6.31
C THR A 396 7.44 -9.85 6.56
C THR A 396 7.59 -9.93 6.73
N ASP A 397 6.59 -9.88 7.63
CA ASP A 397 5.81 -11.01 7.97
C ASP A 397 4.55 -11.06 7.11
N GLY A 398 4.59 -11.88 6.05
CA GLY A 398 3.47 -11.96 5.11
C GLY A 398 2.18 -12.50 5.69
N LEU A 399 2.25 -13.35 6.71
CA LEU A 399 1.03 -13.83 7.38
C LEU A 399 0.29 -12.70 7.97
N THR A 400 1.01 -11.78 8.65
CA THR A 400 0.35 -10.65 9.29
C THR A 400 -0.34 -9.77 8.27
N THR A 401 0.25 -9.51 7.12
CA THR A 401 -0.36 -8.61 6.14
C THR A 401 -1.52 -9.33 5.43
N MET A 402 -1.44 -10.63 5.20
N MET A 402 -1.43 -10.64 5.21
CA MET A 402 -2.58 -11.37 4.65
CA MET A 402 -2.57 -11.41 4.67
C MET A 402 -3.78 -11.26 5.62
C MET A 402 -3.77 -11.28 5.62
N VAL A 403 -3.53 -11.48 6.92
CA VAL A 403 -4.59 -11.41 7.90
C VAL A 403 -5.21 -10.02 7.99
N SER A 404 -4.40 -8.99 7.74
CA SER A 404 -4.88 -7.61 7.83
C SER A 404 -5.95 -7.26 6.83
N GLU A 405 -6.07 -8.02 5.71
CA GLU A 405 -7.14 -7.84 4.76
C GLU A 405 -8.16 -9.00 4.80
N PHE A 406 -7.67 -10.23 4.98
CA PHE A 406 -8.51 -11.43 4.82
C PHE A 406 -8.96 -12.09 6.12
N GLY A 407 -8.50 -11.60 7.26
CA GLY A 407 -8.83 -12.21 8.52
C GLY A 407 -10.20 -11.86 9.07
N PRO A 408 -10.56 -12.48 10.17
CA PRO A 408 -11.88 -12.23 10.76
C PRO A 408 -12.06 -10.78 11.18
N GLY A 409 -13.16 -10.16 10.74
CA GLY A 409 -13.43 -8.77 11.06
C GLY A 409 -12.68 -7.78 10.20
N ARG A 410 -11.83 -8.24 9.29
CA ARG A 410 -11.14 -7.36 8.37
C ARG A 410 -12.01 -7.16 7.15
N GLN A 411 -11.54 -6.31 6.18
CA GLN A 411 -12.46 -5.82 5.17
C GLN A 411 -13.01 -6.81 4.16
N VAL A 412 -12.24 -7.81 3.77
CA VAL A 412 -12.76 -8.76 2.78
C VAL A 412 -13.97 -9.53 3.32
N GLN A 413 -13.93 -9.89 4.61
CA GLN A 413 -15.08 -10.54 5.23
C GLN A 413 -16.16 -9.53 5.61
N LYS A 414 -15.79 -8.44 6.24
CA LYS A 414 -16.78 -7.52 6.79
C LYS A 414 -17.53 -6.72 5.75
N ARG A 415 -16.83 -6.19 4.76
CA ARG A 415 -17.43 -5.38 3.68
C ARG A 415 -17.78 -6.19 2.46
N TRP A 416 -16.87 -7.07 2.04
CA TRP A 416 -17.04 -7.76 0.78
C TRP A 416 -17.62 -9.14 0.87
N GLY A 417 -18.09 -9.52 2.03
CA GLY A 417 -18.93 -10.67 2.22
C GLY A 417 -18.34 -12.05 2.11
N TRP A 418 -17.03 -12.18 2.21
CA TRP A 418 -16.45 -13.51 2.20
C TRP A 418 -16.87 -14.26 3.49
N LYS A 419 -17.52 -15.38 3.32
CA LYS A 419 -17.90 -16.24 4.46
C LYS A 419 -16.76 -17.22 4.60
N ALA A 420 -15.73 -16.81 5.30
CA ALA A 420 -14.55 -17.65 5.45
C ALA A 420 -14.86 -18.85 6.30
N PRO A 421 -14.23 -20.02 6.02
CA PRO A 421 -14.42 -21.17 6.92
C PRO A 421 -13.99 -20.79 8.32
N ALA A 422 -14.68 -21.33 9.33
CA ALA A 422 -14.32 -21.13 10.71
C ALA A 422 -12.86 -21.51 10.96
N GLU A 423 -12.40 -22.61 10.30
CA GLU A 423 -11.01 -23.04 10.46
C GLU A 423 -10.03 -21.97 10.00
N PHE A 424 -10.34 -21.29 8.89
CA PHE A 424 -9.49 -20.22 8.41
C PHE A 424 -9.35 -19.10 9.44
N ASN A 425 -10.49 -18.69 10.00
CA ASN A 425 -10.47 -17.65 11.01
C ASN A 425 -9.73 -18.09 12.26
N ASN A 426 -9.92 -19.33 12.65
CA ASN A 426 -9.21 -19.91 13.79
C ASN A 426 -7.69 -19.83 13.60
N LEU A 427 -7.21 -20.25 12.41
CA LEU A 427 -5.77 -20.22 12.13
C LEU A 427 -5.24 -18.82 12.03
N CYS A 428 -6.04 -17.87 11.54
CA CYS A 428 -5.61 -16.45 11.53
C CYS A 428 -5.29 -16.00 12.94
N ASP A 429 -6.10 -16.39 13.90
CA ASP A 429 -5.85 -16.04 15.30
C ASP A 429 -4.63 -16.78 15.85
N GLN A 430 -4.44 -18.03 15.46
CA GLN A 430 -3.34 -18.85 16.00
C GLN A 430 -2.00 -18.28 15.59
N VAL A 431 -1.87 -17.86 14.35
CA VAL A 431 -0.55 -17.40 13.85
C VAL A 431 -0.10 -16.08 14.47
N ALA A 432 -1.00 -15.27 15.05
CA ALA A 432 -0.59 -14.05 15.72
C ALA A 432 0.07 -14.36 17.09
N GLN A 433 -0.16 -15.54 17.65
CA GLN A 433 0.36 -15.95 18.94
C GLN A 433 1.51 -16.94 18.85
N LEU A 434 1.73 -17.56 17.70
CA LEU A 434 2.83 -18.50 17.55
C LEU A 434 4.08 -17.79 17.15
N LYS A 435 5.22 -18.31 17.63
CA LYS A 435 6.51 -17.79 17.20
C LYS A 435 6.81 -18.50 15.87
N ASP A 436 7.71 -17.94 15.03
CA ASP A 436 8.09 -18.64 13.80
C ASP A 436 8.72 -19.99 14.14
N GLY A 437 8.42 -20.98 13.33
CA GLY A 437 8.84 -22.33 13.54
C GLY A 437 7.92 -23.32 12.87
N GLU A 438 8.03 -24.55 13.24
CA GLU A 438 7.29 -25.64 12.66
C GLU A 438 5.76 -25.42 12.67
N GLU A 439 5.21 -25.14 13.84
CA GLU A 439 3.75 -24.99 13.97
C GLU A 439 3.23 -23.81 13.18
N ARG A 440 3.91 -22.67 13.24
CA ARG A 440 3.47 -21.51 12.51
C ARG A 440 3.52 -21.75 11.00
N SER A 441 4.57 -22.40 10.51
CA SER A 441 4.68 -22.68 9.07
C SER A 441 3.65 -23.70 8.60
N ALA A 442 3.28 -24.65 9.44
CA ALA A 442 2.24 -25.61 9.14
C ALA A 442 0.88 -24.83 9.04
N ALA A 443 0.67 -23.85 9.91
CA ALA A 443 -0.57 -23.03 9.86
C ALA A 443 -0.54 -22.20 8.61
N PHE A 444 0.60 -21.58 8.25
CA PHE A 444 0.76 -20.86 6.98
C PHE A 444 0.34 -21.73 5.80
N ASN A 445 0.84 -22.94 5.71
CA ASN A 445 0.55 -23.83 4.60
C ASN A 445 -0.93 -24.16 4.51
N ARG A 446 -1.57 -24.42 5.68
CA ARG A 446 -2.98 -24.73 5.69
C ARG A 446 -3.81 -23.48 5.35
N LEU A 447 -3.43 -22.31 5.82
CA LEU A 447 -4.13 -21.06 5.44
C LEU A 447 -4.04 -20.85 3.94
N ARG A 448 -2.87 -21.08 3.38
CA ARG A 448 -2.71 -20.97 1.93
C ARG A 448 -3.61 -21.94 1.17
N ASP A 449 -3.71 -23.20 1.63
CA ASP A 449 -4.56 -24.17 0.95
C ASP A 449 -6.01 -23.75 1.03
N ILE A 450 -6.45 -23.27 2.21
CA ILE A 450 -7.83 -22.84 2.34
C ILE A 450 -8.07 -21.59 1.49
N PHE A 451 -7.17 -20.64 1.52
CA PHE A 451 -7.27 -19.43 0.70
C PHE A 451 -7.42 -19.78 -0.78
N GLU A 452 -6.62 -20.72 -1.25
CA GLU A 452 -6.72 -21.11 -2.67
C GLU A 452 -7.97 -21.86 -2.99
N ASP A 453 -8.46 -22.67 -2.04
CA ASP A 453 -9.71 -23.37 -2.25
C ASP A 453 -10.90 -22.42 -2.32
N GLU A 454 -10.87 -21.40 -1.43
CA GLU A 454 -11.95 -20.44 -1.30
C GLU A 454 -11.94 -19.33 -2.34
N ALA A 455 -10.75 -18.99 -2.78
CA ALA A 455 -10.50 -17.94 -3.75
C ALA A 455 -11.27 -16.65 -3.48
N PRO A 456 -11.10 -16.07 -2.27
CA PRO A 456 -11.72 -14.75 -2.04
C PRO A 456 -11.04 -13.65 -2.87
N ALA A 457 -9.81 -13.92 -3.24
CA ALA A 457 -9.03 -13.10 -4.17
C ALA A 457 -8.11 -14.02 -4.94
N VAL A 458 -7.52 -13.52 -6.03
CA VAL A 458 -6.60 -14.29 -6.84
C VAL A 458 -5.38 -13.45 -7.04
N LEU A 459 -4.24 -13.91 -6.59
CA LEU A 459 -3.00 -13.18 -6.69
C LEU A 459 -2.47 -13.29 -8.08
N MET A 460 -2.14 -12.19 -8.74
CA MET A 460 -1.66 -12.21 -10.10
C MET A 460 -0.13 -12.24 -10.11
N TYR A 461 0.51 -11.24 -9.51
CA TYR A 461 1.95 -11.07 -9.52
C TYR A 461 2.36 -9.87 -8.72
N GLN A 462 3.63 -9.82 -8.43
N GLN A 462 3.66 -9.82 -8.29
CA GLN A 462 4.27 -8.67 -7.86
CA GLN A 462 4.26 -8.58 -7.86
C GLN A 462 4.72 -7.83 -9.08
C GLN A 462 4.64 -7.83 -9.12
N PRO A 463 4.22 -6.59 -9.26
CA PRO A 463 4.60 -5.81 -10.43
C PRO A 463 6.05 -5.37 -10.39
N TYR A 464 6.60 -5.20 -11.59
CA TYR A 464 7.86 -4.50 -11.81
C TYR A 464 7.46 -3.03 -12.01
N ASP A 465 7.59 -2.23 -11.00
CA ASP A 465 7.14 -0.84 -10.99
C ASP A 465 8.10 -0.01 -11.79
N VAL A 466 7.58 0.71 -12.80
CA VAL A 466 8.41 1.52 -13.69
C VAL A 466 8.02 2.98 -13.56
N TYR A 467 9.00 3.81 -13.29
CA TYR A 467 8.89 5.25 -13.34
C TYR A 467 9.69 5.72 -14.57
N ALA A 468 9.44 6.94 -15.00
CA ALA A 468 10.31 7.60 -15.97
C ALA A 468 10.64 8.97 -15.46
N ALA A 469 11.86 9.45 -15.74
CA ALA A 469 12.34 10.65 -15.13
C ALA A 469 13.36 11.36 -15.99
N ARG A 470 13.54 12.66 -15.73
CA ARG A 470 14.59 13.42 -16.33
C ARG A 470 15.92 12.99 -15.68
N LYS A 471 16.96 12.83 -16.48
CA LYS A 471 18.29 12.52 -15.98
C LYS A 471 18.81 13.64 -15.06
N ASP A 472 18.35 14.87 -15.21
CA ASP A 472 18.78 15.98 -14.36
C ASP A 472 18.11 15.97 -12.98
N VAL A 473 17.32 14.93 -12.67
CA VAL A 473 16.75 14.74 -11.36
C VAL A 473 17.29 13.38 -10.90
N GLN A 474 18.23 13.37 -9.96
CA GLN A 474 18.84 12.14 -9.46
C GLN A 474 17.95 11.61 -8.32
N TRP A 475 17.34 10.45 -8.50
CA TRP A 475 16.37 9.87 -7.60
C TRP A 475 16.18 8.42 -7.96
N SER A 476 16.35 7.50 -6.99
CA SER A 476 16.18 6.09 -7.25
C SER A 476 14.86 5.59 -6.66
N PRO A 477 14.15 4.71 -7.38
CA PRO A 477 13.02 4.03 -6.77
C PRO A 477 13.43 3.09 -5.64
N VAL A 478 12.45 2.80 -4.78
CA VAL A 478 12.56 1.81 -3.72
C VAL A 478 11.57 0.70 -3.98
N SER A 479 11.77 -0.45 -3.29
CA SER A 479 10.97 -1.65 -3.54
C SER A 479 9.62 -1.66 -2.83
N PHE A 480 8.92 -0.54 -2.85
CA PHE A 480 7.65 -0.40 -2.15
C PHE A 480 6.85 0.66 -2.87
N GLU A 481 5.54 0.72 -2.60
CA GLU A 481 4.61 1.66 -3.21
C GLU A 481 4.71 3.04 -2.57
N THR A 482 5.92 3.60 -2.66
CA THR A 482 6.19 4.92 -2.11
C THR A 482 7.34 5.55 -2.89
N MET A 483 7.68 6.80 -2.55
CA MET A 483 8.86 7.49 -3.08
C MET A 483 9.60 8.07 -1.88
N GLU A 484 10.89 7.80 -1.80
CA GLU A 484 11.74 8.32 -0.75
C GLU A 484 12.65 9.39 -1.33
N PHE A 485 12.66 10.55 -0.73
CA PHE A 485 13.56 11.62 -1.15
C PHE A 485 14.69 11.87 -0.17
N ARG A 486 14.62 11.36 1.05
CA ARG A 486 15.71 11.57 2.04
C ARG A 486 16.99 10.92 1.51
N GLY A 487 18.03 11.72 1.37
CA GLY A 487 19.29 11.21 0.82
C GLY A 487 19.21 10.71 -0.61
N ASN A 488 18.14 11.11 -1.33
CA ASN A 488 17.82 10.51 -2.62
C ASN A 488 17.05 11.46 -3.51
N LEU A 489 17.40 12.74 -3.51
CA LEU A 489 16.81 13.70 -4.46
C LEU A 489 17.77 14.85 -4.68
N ASN A 490 18.47 14.85 -5.80
CA ASN A 490 19.47 15.89 -6.11
C ASN A 490 19.24 16.39 -7.52
N PHE A 491 19.32 17.67 -7.75
CA PHE A 491 19.10 18.27 -9.05
C PHE A 491 20.43 18.60 -9.68
N LYS A 492 20.60 18.24 -10.94
CA LYS A 492 21.85 18.47 -11.68
C LYS A 492 21.74 19.71 -12.56
N HIS A 493 22.89 20.34 -12.86
CA HIS A 493 22.98 21.55 -13.69
C HIS A 493 23.09 21.14 -15.14
C1 GLC B . -8.76 3.93 -4.85
C2 GLC B . -8.79 5.21 -4.04
C3 GLC B . -10.12 5.34 -3.33
C4 GLC B . -11.26 5.30 -4.36
C5 GLC B . -11.13 4.06 -5.25
C6 GLC B . -12.10 4.09 -6.40
O1 GLC B . -8.93 2.83 -4.05
O2 GLC B . -7.74 5.18 -3.07
O3 GLC B . -10.13 6.61 -2.67
O4 GLC B . -12.51 5.25 -3.68
O5 GLC B . -9.81 4.00 -5.83
O6 GLC B . -11.99 5.32 -7.13
H1 GLC B . -7.79 3.91 -5.37
H2 GLC B . -8.65 6.06 -4.70
H3 GLC B . -10.26 4.56 -2.58
H4 GLC B . -11.22 6.21 -4.97
H5 GLC B . -11.34 3.17 -4.68
H61 GLC B . -13.11 3.96 -6.01
H62 GLC B . -11.88 3.27 -7.08
HO2 GLC B . -6.91 5.27 -3.57
HO3 GLC B . -10.94 6.62 -2.13
HO4 GLC B . -12.55 4.42 -3.16
HO6 GLC B . -12.70 5.93 -6.87
C1 FRU B . -6.90 1.68 -3.55
C2 FRU B . -8.25 1.61 -4.30
C3 FRU B . -9.17 0.41 -4.00
C4 FRU B . -9.98 0.28 -5.30
C5 FRU B . -8.86 0.50 -6.32
C6 FRU B . -9.33 1.09 -7.63
O1 FRU B . -6.22 0.43 -3.72
O3 FRU B . -10.01 0.62 -2.87
O4 FRU B . -10.57 -1.02 -5.46
O5 FRU B . -7.96 1.43 -5.68
O6 FRU B . -8.34 1.20 -8.64
H3 FRU B . -8.56 -0.49 -3.84
H4 FRU B . -10.75 1.04 -5.35
H5 FRU B . -8.28 -0.41 -6.48
H61 FRU B . -9.79 2.05 -7.46
H62 FRU B . -10.08 0.44 -8.09
HO3 FRU B . -10.40 -0.27 -2.64
HO4 FRU B . -10.98 -1.04 -6.36
HO6 FRU B . -7.44 0.99 -8.28
C1 GLC C . -8.76 3.93 -4.85
C2 GLC C . -8.79 5.21 -4.04
C3 GLC C . -10.12 5.34 -3.33
C4 GLC C . -11.26 5.30 -4.36
C5 GLC C . -11.13 4.06 -5.25
C6 GLC C . -12.10 4.09 -6.40
O1 GLC C . -8.93 2.83 -4.05
O2 GLC C . -7.74 5.18 -3.07
O3 GLC C . -10.13 6.61 -2.67
O4 GLC C . -12.51 5.25 -3.68
O5 GLC C . -9.81 4.00 -5.83
O6 GLC C . -11.99 5.32 -7.13
H1 GLC C . -7.79 3.91 -5.37
H2 GLC C . -8.65 6.06 -4.70
H3 GLC C . -10.26 4.56 -2.58
H4 GLC C . -11.22 6.21 -4.97
H5 GLC C . -11.34 3.17 -4.68
H61 GLC C . -13.11 3.96 -6.01
H62 GLC C . -11.88 3.27 -7.08
HO2 GLC C . -6.91 5.27 -3.57
HO3 GLC C . -10.94 6.62 -2.13
HO4 GLC C . -12.55 4.42 -3.16
HO6 GLC C . -12.70 5.93 -6.87
C1 FRU C . -6.90 1.68 -3.55
C2 FRU C . -8.25 1.61 -4.30
C3 FRU C . -9.17 0.41 -4.00
C4 FRU C . -9.98 0.28 -5.30
C5 FRU C . -8.86 0.50 -6.32
C6 FRU C . -9.33 1.09 -7.63
O1 FRU C . -6.22 0.43 -3.72
O3 FRU C . -10.01 0.62 -2.87
O4 FRU C . -10.57 -1.02 -5.46
O5 FRU C . -7.96 1.43 -5.68
O6 FRU C . -8.34 1.20 -8.64
H3 FRU C . -8.56 -0.49 -3.84
H4 FRU C . -10.75 1.04 -5.35
H5 FRU C . -8.28 -0.41 -6.48
H61 FRU C . -9.79 2.05 -7.46
H62 FRU C . -10.08 0.44 -8.09
HO3 FRU C . -10.40 -0.27 -2.64
HO4 FRU C . -10.98 -1.04 -6.36
HO6 FRU C . -7.44 0.99 -8.28
O1 PG4 D . 14.14 16.00 -24.01
C1 PG4 D . 12.80 15.78 -23.54
C2 PG4 D . 12.58 16.32 -22.16
O2 PG4 D . 12.87 17.74 -22.09
C3 PG4 D . 11.80 18.54 -22.60
C4 PG4 D . 12.11 19.94 -22.30
O3 PG4 D . 12.05 20.17 -20.89
C5 PG4 D . 12.04 21.56 -20.56
C6 PG4 D . 11.67 21.77 -19.13
O4 PG4 D . 12.77 21.45 -18.30
C7 PG4 D . 12.39 21.22 -16.93
C8 PG4 D . 13.58 21.18 -16.04
O5 PG4 D . 14.31 22.40 -16.11
HO1 PG4 D . 14.44 16.89 -23.75
H11 PG4 D . 12.64 14.70 -23.55
H12 PG4 D . 12.12 16.23 -24.26
H21 PG4 D . 13.28 15.82 -21.48
H22 PG4 D . 11.56 16.10 -21.83
H31 PG4 D . 10.85 18.26 -22.12
H32 PG4 D . 11.72 18.45 -23.68
H41 PG4 D . 11.36 20.57 -22.81
H42 PG4 D . 13.11 20.20 -22.64
H51 PG4 D . 11.33 22.11 -21.19
H52 PG4 D . 13.05 21.94 -20.73
H61 PG4 D . 10.81 21.13 -18.88
H62 PG4 D . 11.40 22.83 -18.97
H71 PG4 D . 11.86 20.27 -16.87
H72 PG4 D . 11.73 22.03 -16.59
H81 PG4 D . 14.26 20.37 -16.35
H82 PG4 D . 13.28 21.02 -15.01
HO5 PG4 D . 14.80 22.40 -16.95
C1 PEG E . -13.35 18.57 17.28
O1 PEG E . -13.38 17.95 18.56
C2 PEG E . -14.45 18.06 16.39
O2 PEG E . -13.97 17.97 15.05
C3 PEG E . -14.97 17.93 14.02
C4 PEG E . -15.32 16.51 13.68
O4 PEG E . -16.64 16.39 13.19
H11 PEG E . -12.37 18.38 16.83
H12 PEG E . -13.48 19.65 17.42
HO1 PEG E . -12.78 18.46 19.14
H21 PEG E . -15.29 18.75 16.45
H22 PEG E . -14.77 17.05 16.71
H31 PEG E . -14.57 18.42 13.14
H32 PEG E . -15.87 18.47 14.34
H41 PEG E . -15.24 15.87 14.55
H42 PEG E . -14.64 16.14 12.91
HO4 PEG E . -16.66 16.84 12.33
C1 EDO F . 21.19 6.15 -3.18
O1 EDO F . 20.24 6.96 -2.51
C2 EDO F . 20.84 6.02 -4.65
O2 EDO F . 21.10 4.70 -5.10
H11 EDO F . 21.22 5.18 -2.68
H12 EDO F . 22.16 6.64 -3.07
HO1 EDO F . 20.46 6.93 -1.56
H21 EDO F . 21.46 6.70 -5.24
H22 EDO F . 19.78 6.25 -4.83
HO2 EDO F . 20.70 4.63 -6.00
C1 EDO G . -10.52 -10.56 18.21
O1 EDO G . -10.12 -9.46 19.03
C2 EDO G . -10.56 -11.86 18.99
O2 EDO G . -9.46 -12.74 18.70
H11 EDO G . -9.84 -10.63 17.37
H12 EDO G . -11.53 -10.33 17.83
HO1 EDO G . -10.29 -8.65 18.51
H21 EDO G . -11.45 -12.41 18.72
H22 EDO G . -10.57 -11.68 20.08
HO2 EDO G . -9.65 -13.58 19.16
C1 EDO H . 7.53 9.64 -28.69
O1 EDO H . 8.39 8.60 -28.24
C2 EDO H . 7.50 9.91 -30.17
O2 EDO H . 6.89 8.85 -30.86
H11 EDO H . 7.87 10.56 -28.22
H12 EDO H . 6.53 9.37 -28.35
HO1 EDO H . 8.24 8.49 -27.28
H21 EDO H . 8.50 10.04 -30.55
H22 EDO H . 6.92 10.81 -30.36
HO2 EDO H . 6.89 9.09 -31.81
C1 EDO I . -1.52 25.64 4.43
O1 EDO I . -1.66 25.91 5.82
C2 EDO I . -2.63 24.75 3.97
O2 EDO I . -3.79 25.50 3.63
H11 EDO I . -0.55 25.16 4.27
H12 EDO I . -1.55 26.61 3.91
HO1 EDO I . -0.95 26.54 6.04
H21 EDO I . -2.91 24.04 4.75
H22 EDO I . -2.33 24.20 3.07
HO2 EDO I . -4.51 24.87 3.50
C1 EDO J . 7.30 22.84 -20.74
O1 EDO J . 8.02 23.69 -19.87
C2 EDO J . 5.88 23.32 -20.85
O2 EDO J . 5.17 22.61 -21.85
H11 EDO J . 7.33 21.82 -20.33
H12 EDO J . 7.79 22.86 -21.72
HO1 EDO J . 8.94 23.41 -19.90
H21 EDO J . 5.85 24.38 -21.10
H22 EDO J . 5.36 23.17 -19.89
HO2 EDO J . 4.23 22.83 -21.75
C1 EDO K . -7.77 -27.50 0.67
O1 EDO K . -7.28 -28.20 -0.46
C2 EDO K . -9.09 -28.08 1.12
O2 EDO K . -9.77 -27.16 1.96
H11 EDO K . -7.90 -26.45 0.39
H12 EDO K . -7.03 -27.58 1.46
HO1 EDO K . -6.38 -27.87 -0.63
H21 EDO K . -8.92 -28.99 1.70
H22 EDO K . -9.73 -28.30 0.26
HO2 EDO K . -10.52 -27.64 2.36
C1 EDO L . -26.07 -5.05 -10.67
O1 EDO L . -25.36 -3.92 -11.16
C2 EDO L . -25.15 -6.13 -10.12
O2 EDO L . -25.49 -7.43 -10.61
H11 EDO L . -26.67 -5.43 -11.51
H12 EDO L . -26.76 -4.71 -9.88
HO1 EDO L . -25.10 -3.37 -10.40
H21 EDO L . -25.23 -6.16 -9.04
H22 EDO L . -24.10 -5.93 -10.40
HO2 EDO L . -25.17 -7.48 -11.53
C1 EDO M . 4.85 11.11 -27.34
O1 EDO M . 4.53 10.26 -26.24
C2 EDO M . 4.11 12.40 -27.30
O2 EDO M . 4.95 13.45 -27.74
H11 EDO M . 4.60 10.58 -28.26
H12 EDO M . 5.93 11.28 -27.28
HO1 EDO M . 4.88 9.37 -26.45
H21 EDO M . 3.81 12.65 -26.28
H22 EDO M . 3.23 12.38 -27.95
HO2 EDO M . 5.63 13.59 -27.06
C1 EDO N . 2.82 27.05 17.74
O1 EDO N . 1.57 26.41 17.95
C2 EDO N . 3.67 26.98 18.99
O2 EDO N . 4.94 27.58 18.79
H11 EDO N . 2.64 28.10 17.47
H12 EDO N . 3.32 26.54 16.91
HO1 EDO N . 1.11 26.42 17.09
H21 EDO N . 3.84 25.94 19.27
H22 EDO N . 3.18 27.51 19.82
HO2 EDO N . 4.79 28.52 18.59
C1 PGE O . -11.26 1.76 3.78
O1 PGE O . -12.51 2.09 4.37
C2 PGE O . -10.22 2.81 4.03
O2 PGE O . -10.77 4.10 3.78
C3 PGE O . -9.83 5.15 3.72
C4 PGE O . -10.55 6.46 3.73
O4 PGE O . -13.77 7.52 6.70
C6 PGE O . -12.48 8.05 6.44
C5 PGE O . -12.02 7.81 5.02
O3 PGE O . -11.23 6.63 4.97
H1 PGE O . -11.42 1.63 2.70
H12 PGE O . -10.95 0.80 4.21
HO1 PGE O . -12.87 2.85 3.86
H2 PGE O . -9.38 2.64 3.37
H22 PGE O . -9.89 2.76 5.08
H3 PGE O . -9.23 5.06 2.81
H32 PGE O . -9.18 5.09 4.60
H4 PGE O . -11.30 6.45 2.93
H42 PGE O . -9.86 7.28 3.57
HO4 PGE O . -13.71 6.55 6.55
H6 PGE O . -11.79 7.57 7.15
H62 PGE O . -12.52 9.13 6.65
H5 PGE O . -11.44 8.67 4.69
H52 PGE O . -12.89 7.68 4.37
PAM BNX P . -4.69 0.33 -3.77
OAO BNX P . -4.09 1.60 -4.33
OAP BNX P . -4.36 -0.93 -4.46
O2 BNX P . -4.15 0.27 -2.24
C2 BNX P . -4.11 -0.95 -1.49
C3 BNX P . -4.95 -0.74 -0.25
O3 BNX P . -6.33 -0.67 -0.64
C4 BNX P . -4.73 -1.89 0.72
O4 BNX P . -5.49 -1.62 1.90
C5 BNX P . -3.25 -1.94 1.06
C6 BNX P . -2.87 -3.06 2.01
O6 BNX P . -3.40 -4.30 1.62
O5 BNX P . -2.55 -2.22 -0.16
C1 BNX P . -2.64 -1.15 -1.11
O1 BNX P . -1.76 -1.39 -2.05
C1 ALX Q . -2.64 -1.15 -1.11
O1 ALX Q . -2.07 0.00 -0.69
O2 ALX Q . -4.15 0.27 -2.24
C2 ALX Q . -4.11 -0.95 -1.49
C3 ALX Q . -4.95 -0.74 -0.25
C5 ALX Q . -3.25 -1.94 1.06
C6 ALX Q . -2.87 -3.06 2.01
PAM ALX Q . -4.69 0.33 -3.77
OAO ALX Q . -4.09 1.60 -4.33
OAP ALX Q . -4.36 -0.93 -4.46
O3 ALX Q . -6.33 -0.67 -0.64
C4 ALX Q . -4.73 -1.89 0.72
O4 ALX Q . -5.49 -1.62 1.90
O6 ALX Q . -3.40 -4.30 1.62
O5 ALX Q . -2.55 -2.22 -0.16
#